data_3FM0
#
_entry.id   3FM0
#
_cell.length_a   41.682
_cell.length_b   74.640
_cell.length_c   49.481
_cell.angle_alpha   90.00
_cell.angle_beta   105.05
_cell.angle_gamma   90.00
#
_symmetry.space_group_name_H-M   'P 1 21 1'
#
loop_
_entity.id
_entity.type
_entity.pdbx_description
1 polymer 'Protein CIAO1'
2 non-polymer 'SULFATE ION'
3 water water
#
_entity_poly.entity_id   1
_entity_poly.type   'polypeptide(L)'
_entity_poly.pdbx_seq_one_letter_code
;MKDSLVLLGRVPAHPDSRCWFLAWNPAGTLLASCGGDRRIRIWGTEGDSWICKSVLSEGHQRTVRKVAWSPCGNYLASAS
FDATTCIWKKNQDDFECVTTLEGHENEVKSVAWAPSGNLLATCSRDKSVWVWEVDEEDEYECVSVLNSHTQDVKHVVWHP
SQELLASASYDDTVKLYREEEDDWVCCATLEGHESTVWSLAFDPSGQRLASCSDDRTVRIWRQYLPGNEQGVACSGSDPS
WKCICTLSGFHSRTIYDIAWCQLTGALATACGDDAIRVFQEDPNSDPQQPTFSLTAHLHQAHSQDVNCVAWNPKEPGLLA
SCSDDGEVAFWKYQRPEGLHHHHHH
;
_entity_poly.pdbx_strand_id   A
#
# COMPACT_ATOMS: atom_id res chain seq x y z
N SER A 4 8.16 -21.06 -2.82
CA SER A 4 9.64 -20.90 -2.71
C SER A 4 10.07 -19.43 -2.85
N LEU A 5 10.64 -18.94 -1.76
CA LEU A 5 11.04 -17.55 -1.63
C LEU A 5 12.50 -17.58 -1.19
N VAL A 6 13.39 -17.20 -2.11
CA VAL A 6 14.83 -17.28 -1.88
C VAL A 6 15.36 -15.90 -1.47
N LEU A 7 16.19 -15.85 -0.43
CA LEU A 7 16.79 -14.60 0.05
C LEU A 7 17.91 -14.12 -0.86
N LEU A 8 17.79 -12.88 -1.34
CA LEU A 8 18.80 -12.26 -2.20
C LEU A 8 19.73 -11.32 -1.43
N GLY A 9 19.21 -10.72 -0.37
CA GLY A 9 20.01 -9.81 0.45
C GLY A 9 19.19 -9.18 1.53
N ARG A 10 19.86 -8.82 2.62
CA ARG A 10 19.26 -8.08 3.72
C ARG A 10 20.04 -6.78 3.89
N VAL A 11 19.36 -5.69 4.19
CA VAL A 11 20.01 -4.43 4.58
C VAL A 11 19.42 -3.91 5.90
N PRO A 12 20.27 -3.36 6.80
CA PRO A 12 19.76 -2.69 8.00
C PRO A 12 19.29 -1.27 7.65
N ALA A 13 18.06 -1.17 7.17
CA ALA A 13 17.58 0.08 6.57
C ALA A 13 17.34 1.20 7.57
N HIS A 14 16.79 0.88 8.73
CA HIS A 14 16.48 1.86 9.75
C HIS A 14 16.94 1.34 11.09
N PRO A 15 18.27 1.39 11.32
CA PRO A 15 18.89 0.76 12.48
C PRO A 15 18.28 1.19 13.79
N ASP A 16 18.05 0.22 14.67
CA ASP A 16 17.46 0.43 16.01
C ASP A 16 16.09 1.14 16.00
N SER A 17 15.37 0.99 14.90
CA SER A 17 14.02 1.51 14.80
C SER A 17 13.20 0.58 13.93
N ARG A 18 11.92 0.90 13.80
CA ARG A 18 11.05 0.11 12.92
C ARG A 18 11.29 0.55 11.51
N CYS A 19 11.30 -0.41 10.58
CA CYS A 19 11.09 -0.08 9.19
C CYS A 19 9.60 -0.33 8.94
N TRP A 20 8.88 0.74 8.64
CA TRP A 20 7.43 0.68 8.55
C TRP A 20 6.91 0.29 7.16
N PHE A 21 7.56 0.80 6.12
CA PHE A 21 6.99 0.68 4.79
C PHE A 21 8.05 0.79 3.69
N LEU A 22 7.73 0.21 2.54
CA LEU A 22 8.58 0.26 1.36
C LEU A 22 7.75 0.56 0.14
N ALA A 23 8.38 1.20 -0.86
CA ALA A 23 7.72 1.41 -2.13
C ALA A 23 8.73 1.48 -3.26
N TRP A 24 8.46 0.73 -4.32
CA TRP A 24 9.28 0.73 -5.52
C TRP A 24 8.88 1.90 -6.44
N ASN A 25 9.87 2.54 -7.06
CA ASN A 25 9.54 3.49 -8.13
C ASN A 25 8.92 2.73 -9.34
N PRO A 26 8.17 3.43 -10.20
CA PRO A 26 7.58 2.72 -11.35
C PRO A 26 8.58 1.92 -12.21
N ALA A 27 9.82 2.41 -12.32
CA ALA A 27 10.88 1.72 -13.07
C ALA A 27 11.41 0.45 -12.39
N GLY A 28 11.09 0.28 -11.10
CA GLY A 28 11.58 -0.85 -10.31
C GLY A 28 13.08 -0.81 -10.08
N THR A 29 13.68 0.36 -10.26
CA THR A 29 15.12 0.56 -10.09
C THR A 29 15.49 1.09 -8.71
N LEU A 30 14.53 1.68 -8.00
CA LEU A 30 14.75 2.24 -6.66
C LEU A 30 13.67 1.82 -5.68
N LEU A 31 14.07 1.55 -4.44
CA LEU A 31 13.14 1.18 -3.38
C LEU A 31 13.26 2.22 -2.29
N ALA A 32 12.15 2.88 -1.96
CA ALA A 32 12.12 3.82 -0.85
C ALA A 32 11.66 3.07 0.41
N SER A 33 12.37 3.29 1.52
CA SER A 33 11.99 2.74 2.83
C SER A 33 11.78 3.87 3.83
N CYS A 34 10.90 3.67 4.80
CA CYS A 34 10.72 4.69 5.83
C CYS A 34 10.53 4.05 7.18
N GLY A 35 10.85 4.78 8.25
CA GLY A 35 10.56 4.24 9.55
C GLY A 35 10.69 5.18 10.74
N GLY A 36 10.82 4.56 11.89
CA GLY A 36 10.73 5.25 13.17
C GLY A 36 11.92 6.15 13.49
N ASP A 37 12.98 6.07 12.69
CA ASP A 37 14.12 6.99 12.84
C ASP A 37 13.92 8.30 12.07
N ARG A 38 12.70 8.54 11.58
CA ARG A 38 12.32 9.80 10.90
C ARG A 38 12.92 9.97 9.50
N ARG A 39 13.61 8.95 9.01
CA ARG A 39 14.32 9.05 7.74
C ARG A 39 13.63 8.26 6.65
N ILE A 40 13.81 8.72 5.42
CA ILE A 40 13.45 7.96 4.24
C ILE A 40 14.75 7.63 3.52
N ARG A 41 14.94 6.36 3.18
CA ARG A 41 16.14 5.95 2.46
C ARG A 41 15.81 5.38 1.10
N ILE A 42 16.65 5.69 0.11
CA ILE A 42 16.43 5.20 -1.23
C ILE A 42 17.49 4.18 -1.58
N TRP A 43 17.03 2.98 -1.96
CA TRP A 43 17.91 1.85 -2.21
C TRP A 43 17.98 1.50 -3.69
N GLY A 44 19.20 1.32 -4.19
CA GLY A 44 19.41 0.89 -5.56
C GLY A 44 20.54 -0.11 -5.62
N THR A 45 20.62 -0.88 -6.70
CA THR A 45 21.69 -1.85 -6.85
C THR A 45 23.00 -1.15 -7.22
N GLU A 46 24.08 -1.59 -6.58
CA GLU A 46 25.44 -1.19 -6.95
C GLU A 46 26.25 -2.46 -6.82
N GLY A 47 26.94 -2.84 -7.89
CA GLY A 47 27.53 -4.19 -7.92
C GLY A 47 26.49 -5.26 -7.61
N ASP A 48 26.81 -6.13 -6.66
CA ASP A 48 26.00 -7.32 -6.35
C ASP A 48 25.09 -7.10 -5.12
N SER A 49 24.88 -5.85 -4.74
CA SER A 49 24.18 -5.53 -3.49
C SER A 49 23.22 -4.36 -3.67
N TRP A 50 22.21 -4.30 -2.80
CA TRP A 50 21.38 -3.12 -2.68
C TRP A 50 22.03 -2.19 -1.67
N ILE A 51 22.25 -0.94 -2.08
CA ILE A 51 22.88 0.04 -1.22
C ILE A 51 22.04 1.31 -1.16
N CYS A 52 22.29 2.11 -0.12
CA CYS A 52 21.58 3.37 0.04
C CYS A 52 22.14 4.43 -0.89
N LYS A 53 21.32 4.82 -1.87
CA LYS A 53 21.66 5.85 -2.85
C LYS A 53 21.43 7.26 -2.30
N SER A 54 20.39 7.42 -1.48
CA SER A 54 20.03 8.73 -0.93
C SER A 54 19.37 8.59 0.43
N VAL A 55 19.61 9.57 1.29
CA VAL A 55 18.93 9.68 2.59
C VAL A 55 18.13 10.98 2.62
N LEU A 56 16.84 10.84 2.89
CA LEU A 56 15.92 11.96 2.96
C LEU A 56 15.64 12.31 4.43
N SER A 57 16.26 13.40 4.88
CA SER A 57 16.10 13.87 6.26
C SER A 57 15.66 15.33 6.28
N GLU A 58 15.34 15.84 7.46
CA GLU A 58 14.97 17.26 7.64
C GLU A 58 13.68 17.66 6.89
N GLY A 59 12.80 16.69 6.67
CA GLY A 59 11.45 17.00 6.19
C GLY A 59 10.46 16.79 7.31
N HIS A 60 10.78 15.84 8.21
CA HIS A 60 9.86 15.39 9.26
C HIS A 60 10.48 15.35 10.64
N GLN A 61 9.67 15.63 11.66
CA GLN A 61 10.13 15.66 13.05
C GLN A 61 9.71 14.42 13.85
N ARG A 62 8.98 13.54 13.19
CA ARG A 62 8.52 12.29 13.81
C ARG A 62 8.53 11.16 12.77
N THR A 63 8.26 9.95 13.24
CA THR A 63 8.12 8.73 12.43
C THR A 63 7.52 9.03 11.05
N VAL A 64 8.16 8.50 10.01
CA VAL A 64 7.56 8.46 8.68
C VAL A 64 6.92 7.08 8.57
N ARG A 65 5.60 7.07 8.41
CA ARG A 65 4.82 5.83 8.50
C ARG A 65 4.70 5.12 7.13
N LYS A 66 4.47 5.88 6.07
CA LYS A 66 4.39 5.29 4.73
C LYS A 66 4.97 6.26 3.69
N VAL A 67 5.30 5.70 2.53
CA VAL A 67 5.82 6.45 1.39
C VAL A 67 5.14 5.97 0.11
N ALA A 68 5.12 6.83 -0.91
CA ALA A 68 4.48 6.51 -2.20
C ALA A 68 5.11 7.32 -3.32
N TRP A 69 5.24 6.71 -4.49
CA TRP A 69 5.83 7.37 -5.66
C TRP A 69 4.76 7.87 -6.61
N SER A 70 5.02 9.01 -7.24
CA SER A 70 4.16 9.48 -8.32
C SER A 70 4.26 8.50 -9.51
N PRO A 71 3.22 8.43 -10.35
CA PRO A 71 3.25 7.51 -11.50
C PRO A 71 4.36 7.79 -12.50
N CYS A 72 4.90 9.01 -12.47
CA CYS A 72 6.02 9.41 -13.33
C CYS A 72 7.38 9.05 -12.72
N GLY A 73 7.38 8.67 -11.43
CA GLY A 73 8.62 8.33 -10.73
C GLY A 73 9.50 9.50 -10.30
N ASN A 74 9.08 10.72 -10.58
CA ASN A 74 9.86 11.90 -10.23
C ASN A 74 9.63 12.42 -8.83
N TYR A 75 8.54 11.98 -8.19
CA TYR A 75 8.17 12.49 -6.87
C TYR A 75 7.97 11.35 -5.88
N LEU A 76 8.32 11.60 -4.62
CA LEU A 76 7.99 10.69 -3.54
C LEU A 76 7.22 11.48 -2.48
N ALA A 77 6.14 10.89 -1.96
CA ALA A 77 5.42 11.50 -0.84
C ALA A 77 5.66 10.69 0.42
N SER A 78 5.74 11.38 1.55
CA SER A 78 5.98 10.72 2.83
C SER A 78 4.95 11.15 3.88
N ALA A 79 4.27 10.19 4.46
CA ALA A 79 3.24 10.46 5.46
C ALA A 79 3.84 10.29 6.84
N SER A 80 3.73 11.32 7.69
CA SER A 80 4.41 11.33 8.97
C SER A 80 3.45 11.48 10.16
N PHE A 81 3.86 10.92 11.30
CA PHE A 81 3.20 11.14 12.58
C PHE A 81 3.25 12.62 13.01
N ASP A 82 4.06 13.44 12.35
CA ASP A 82 4.06 14.87 12.63
C ASP A 82 2.85 15.63 12.03
N ALA A 83 1.90 14.86 11.47
CA ALA A 83 0.63 15.35 10.91
C ALA A 83 0.78 15.98 9.52
N THR A 84 1.96 15.83 8.93
CA THR A 84 2.19 16.40 7.60
C THR A 84 2.57 15.30 6.62
N THR A 85 2.46 15.63 5.34
CA THR A 85 2.97 14.79 4.27
C THR A 85 3.94 15.64 3.47
N CYS A 86 5.16 15.16 3.31
CA CYS A 86 6.14 15.88 2.51
C CYS A 86 6.19 15.31 1.11
N ILE A 87 6.45 16.21 0.16
CA ILE A 87 6.68 15.83 -1.23
C ILE A 87 8.14 16.09 -1.54
N TRP A 88 8.77 15.10 -2.16
CA TRP A 88 10.18 15.14 -2.51
C TRP A 88 10.30 14.99 -4.02
N LYS A 89 11.13 15.81 -4.66
CA LYS A 89 11.35 15.70 -6.09
C LYS A 89 12.74 15.14 -6.35
N LYS A 90 12.82 14.18 -7.26
CA LYS A 90 14.09 13.56 -7.62
C LYS A 90 14.83 14.49 -8.59
N ASN A 91 16.09 14.80 -8.25
CA ASN A 91 16.95 15.61 -9.09
C ASN A 91 18.31 14.93 -9.17
N GLN A 92 18.65 14.45 -10.38
CA GLN A 92 19.93 13.78 -10.63
C GLN A 92 20.23 12.65 -9.64
N ASP A 94 19.57 12.40 -6.34
CA ASP A 94 19.22 13.01 -5.06
C ASP A 94 17.78 13.52 -5.07
N PHE A 95 17.22 13.70 -3.87
CA PHE A 95 15.86 14.16 -3.67
C PHE A 95 15.87 15.41 -2.82
N GLU A 96 15.02 16.36 -3.17
CA GLU A 96 14.86 17.55 -2.34
C GLU A 96 13.41 17.67 -1.90
N CYS A 97 13.23 18.08 -0.65
CA CYS A 97 11.90 18.31 -0.09
C CYS A 97 11.35 19.59 -0.70
N VAL A 98 10.31 19.47 -1.53
CA VAL A 98 9.78 20.63 -2.23
C VAL A 98 8.53 21.25 -1.61
N THR A 99 7.75 20.43 -0.90
CA THR A 99 6.45 20.87 -0.42
C THR A 99 6.09 20.11 0.87
N THR A 100 5.35 20.78 1.74
CA THR A 100 4.80 20.15 2.94
C THR A 100 3.29 20.34 2.93
N LEU A 101 2.55 19.24 3.01
CA LEU A 101 1.09 19.27 3.00
C LEU A 101 0.60 19.26 4.45
N GLU A 102 -0.02 20.36 4.86
CA GLU A 102 -0.51 20.48 6.22
C GLU A 102 -2.03 20.53 6.23
N GLY A 103 -2.65 20.06 7.29
CA GLY A 103 -4.10 20.10 7.38
C GLY A 103 -4.70 19.03 8.28
N HIS A 104 -4.13 17.83 8.25
CA HIS A 104 -4.62 16.77 9.14
C HIS A 104 -4.42 17.20 10.60
N GLU A 105 -5.39 16.84 11.43
CA GLU A 105 -5.34 17.19 12.87
C GLU A 105 -4.41 16.30 13.68
N ASN A 106 -4.12 15.11 13.17
CA ASN A 106 -3.32 14.12 13.87
C ASN A 106 -2.39 13.39 12.92
N GLU A 107 -1.68 12.40 13.46
CA GLU A 107 -0.74 11.55 12.71
C GLU A 107 -1.29 11.16 11.33
N VAL A 108 -0.46 11.30 10.30
CA VAL A 108 -0.82 10.80 8.95
C VAL A 108 -0.30 9.37 8.82
N LYS A 109 -1.16 8.47 8.37
CA LYS A 109 -0.84 7.02 8.34
C LYS A 109 -0.51 6.49 6.96
N SER A 110 -1.02 7.15 5.92
CA SER A 110 -0.80 6.69 4.55
C SER A 110 -0.93 7.80 3.54
N VAL A 111 -0.34 7.56 2.38
CA VAL A 111 -0.36 8.49 1.25
C VAL A 111 -0.30 7.66 -0.03
N ALA A 112 -0.97 8.12 -1.08
CA ALA A 112 -0.97 7.40 -2.36
C ALA A 112 -1.26 8.36 -3.48
N TRP A 113 -0.68 8.11 -4.65
CA TRP A 113 -0.87 8.98 -5.81
C TRP A 113 -1.82 8.35 -6.81
N ALA A 114 -2.70 9.17 -7.38
CA ALA A 114 -3.59 8.70 -8.44
C ALA A 114 -2.78 8.46 -9.71
N PRO A 115 -3.26 7.53 -10.56
CA PRO A 115 -2.53 7.24 -11.82
C PRO A 115 -2.40 8.42 -12.79
N SER A 116 -3.27 9.42 -12.67
CA SER A 116 -3.14 10.64 -13.49
C SER A 116 -1.94 11.48 -13.08
N GLY A 117 -1.46 11.29 -11.85
CA GLY A 117 -0.40 12.14 -11.30
C GLY A 117 -0.92 13.48 -10.78
N ASN A 118 -2.20 13.74 -10.95
CA ASN A 118 -2.75 15.06 -10.62
C ASN A 118 -3.35 15.14 -9.23
N LEU A 119 -3.53 13.98 -8.62
CA LEU A 119 -4.14 13.89 -7.29
C LEU A 119 -3.34 12.98 -6.40
N LEU A 120 -3.40 13.26 -5.12
CA LEU A 120 -2.97 12.29 -4.16
C LEU A 120 -3.93 12.28 -2.98
N ALA A 121 -3.85 11.22 -2.19
CA ALA A 121 -4.72 11.05 -1.06
C ALA A 121 -3.83 10.82 0.13
N THR A 122 -4.23 11.39 1.26
CA THR A 122 -3.58 11.10 2.54
C THR A 122 -4.67 10.70 3.52
N CYS A 123 -4.33 9.93 4.54
CA CYS A 123 -5.35 9.57 5.52
C CYS A 123 -4.73 9.56 6.90
N SER A 124 -5.57 9.66 7.93
CA SER A 124 -5.05 10.05 9.24
C SER A 124 -5.79 9.43 10.40
N ARG A 125 -5.11 9.43 11.54
CA ARG A 125 -5.71 9.16 12.85
C ARG A 125 -6.89 10.10 13.14
N ASP A 126 -6.93 11.26 12.46
CA ASP A 126 -8.06 12.20 12.57
C ASP A 126 -9.37 11.69 11.92
N LYS A 127 -9.32 10.46 11.42
CA LYS A 127 -10.49 9.70 10.93
C LYS A 127 -10.96 10.17 9.55
N SER A 128 -10.05 10.80 8.81
CA SER A 128 -10.42 11.31 7.47
C SER A 128 -9.41 10.89 6.41
N VAL A 129 -9.87 10.93 5.17
CA VAL A 129 -9.02 10.87 3.99
C VAL A 129 -9.11 12.25 3.30
N TRP A 130 -7.97 12.85 3.00
CA TRP A 130 -7.94 14.11 2.25
C TRP A 130 -7.50 13.85 0.83
N VAL A 131 -8.22 14.44 -0.14
CA VAL A 131 -7.82 14.37 -1.54
C VAL A 131 -7.17 15.69 -1.91
N TRP A 132 -5.95 15.62 -2.44
CA TRP A 132 -5.16 16.79 -2.77
C TRP A 132 -4.96 16.84 -4.27
N GLU A 133 -5.04 18.04 -4.82
CA GLU A 133 -4.73 18.25 -6.24
C GLU A 133 -3.41 18.98 -6.36
N VAL A 134 -2.53 18.50 -7.25
CA VAL A 134 -1.31 19.24 -7.59
C VAL A 134 -1.52 19.96 -8.92
N ASP A 135 -1.12 21.22 -8.97
CA ASP A 135 -1.30 22.00 -10.19
C ASP A 135 0.01 22.15 -10.96
N GLU A 136 -0.02 22.96 -12.02
CA GLU A 136 1.12 23.14 -12.90
C GLU A 136 2.31 23.79 -12.20
N GLU A 137 2.02 24.51 -11.10
CA GLU A 137 3.06 25.22 -10.35
C GLU A 137 3.68 24.37 -9.26
N ASP A 138 3.25 23.10 -9.17
CA ASP A 138 3.66 22.20 -8.09
C ASP A 138 3.14 22.70 -6.74
N GLU A 139 1.98 23.35 -6.78
CA GLU A 139 1.27 23.77 -5.58
C GLU A 139 0.18 22.75 -5.30
N TYR A 140 -0.07 22.47 -4.02
CA TYR A 140 -1.04 21.45 -3.63
C TYR A 140 -2.18 22.09 -2.86
N GLU A 141 -3.41 21.70 -3.21
CA GLU A 141 -4.58 22.18 -2.50
C GLU A 141 -5.52 21.04 -2.17
N CYS A 142 -6.06 21.04 -0.95
CA CYS A 142 -7.07 20.04 -0.61
C CYS A 142 -8.36 20.32 -1.38
N VAL A 143 -8.81 19.34 -2.15
CA VAL A 143 -10.03 19.49 -2.93
C VAL A 143 -11.24 18.77 -2.32
N SER A 144 -10.99 17.81 -1.43
CA SER A 144 -12.08 17.13 -0.75
C SER A 144 -11.61 16.51 0.55
N VAL A 145 -12.47 16.59 1.58
CA VAL A 145 -12.25 15.88 2.82
C VAL A 145 -13.28 14.76 2.88
N LEU A 146 -12.79 13.55 3.04
CA LEU A 146 -13.64 12.37 3.05
C LEU A 146 -13.68 11.85 4.47
N ASN A 147 -14.80 12.12 5.15
CA ASN A 147 -14.88 11.88 6.57
C ASN A 147 -15.79 10.75 7.03
N SER A 148 -16.25 9.93 6.10
CA SER A 148 -17.24 8.92 6.46
C SER A 148 -16.69 7.76 7.28
N HIS A 149 -15.37 7.51 7.21
CA HIS A 149 -14.78 6.53 8.15
C HIS A 149 -15.00 7.03 9.58
N THR A 150 -15.26 6.11 10.51
CA THR A 150 -15.60 6.52 11.88
C THR A 150 -14.45 6.35 12.86
N GLN A 151 -13.34 5.82 12.35
CA GLN A 151 -12.12 5.59 13.17
C GLN A 151 -10.86 5.83 12.34
N ASP A 152 -9.71 5.82 13.03
CA ASP A 152 -8.34 5.86 12.51
C ASP A 152 -8.29 5.23 11.11
N VAL A 153 -7.85 6.00 10.12
CA VAL A 153 -7.77 5.46 8.76
C VAL A 153 -6.34 4.98 8.52
N LYS A 154 -6.21 3.71 8.11
CA LYS A 154 -4.90 3.03 8.07
C LYS A 154 -4.14 3.11 6.75
N HIS A 155 -4.88 3.13 5.65
CA HIS A 155 -4.23 2.96 4.33
C HIS A 155 -5.09 3.58 3.23
N VAL A 156 -4.40 4.17 2.25
CA VAL A 156 -5.04 4.59 1.00
C VAL A 156 -4.25 4.01 -0.18
N VAL A 157 -4.97 3.71 -1.25
CA VAL A 157 -4.32 3.30 -2.48
C VAL A 157 -5.27 3.61 -3.64
N TRP A 158 -4.71 4.03 -4.77
CA TRP A 158 -5.56 4.30 -5.94
C TRP A 158 -5.56 3.11 -6.88
N HIS A 159 -6.63 2.99 -7.67
CA HIS A 159 -6.74 2.04 -8.78
C HIS A 159 -5.51 2.17 -9.73
N PRO A 160 -5.11 1.06 -10.38
CA PRO A 160 -3.95 1.11 -11.28
C PRO A 160 -4.05 2.10 -12.46
N SER A 161 -5.27 2.42 -12.88
CA SER A 161 -5.45 3.25 -14.08
C SER A 161 -6.51 4.34 -13.94
N GLN A 162 -7.53 4.09 -13.13
CA GLN A 162 -8.66 4.99 -12.92
C GLN A 162 -8.48 5.89 -11.71
N GLU A 163 -9.21 7.01 -11.67
CA GLU A 163 -9.17 7.95 -10.56
C GLU A 163 -10.16 7.47 -9.51
N LEU A 164 -9.89 6.27 -9.00
CA LEU A 164 -10.73 5.60 -8.03
C LEU A 164 -9.83 5.34 -6.83
N LEU A 165 -10.28 5.79 -5.67
CA LEU A 165 -9.50 5.74 -4.45
C LEU A 165 -10.09 4.74 -3.46
N ALA A 166 -9.24 3.96 -2.78
CA ALA A 166 -9.67 3.03 -1.73
C ALA A 166 -9.00 3.37 -0.41
N SER A 167 -9.73 3.20 0.69
CA SER A 167 -9.18 3.40 2.05
C SER A 167 -9.58 2.23 2.93
N ALA A 168 -8.80 2.00 3.99
CA ALA A 168 -9.04 0.93 4.95
C ALA A 168 -8.93 1.54 6.33
N SER A 169 -9.74 1.07 7.27
CA SER A 169 -9.85 1.76 8.56
C SER A 169 -9.93 0.82 9.75
N TYR A 170 -9.58 1.36 10.92
CA TYR A 170 -9.84 0.71 12.21
C TYR A 170 -11.34 0.49 12.42
N ASP A 171 -12.19 1.15 11.63
CA ASP A 171 -13.63 0.93 11.71
C ASP A 171 -14.08 -0.38 11.05
N ASP A 172 -13.10 -1.17 10.59
CA ASP A 172 -13.30 -2.51 10.01
C ASP A 172 -13.86 -2.50 8.59
N THR A 173 -13.88 -1.34 7.95
CA THR A 173 -14.43 -1.24 6.61
C THR A 173 -13.37 -0.80 5.60
N VAL A 174 -13.64 -1.11 4.34
CA VAL A 174 -12.90 -0.57 3.20
C VAL A 174 -13.88 0.39 2.48
N LYS A 175 -13.42 1.55 2.05
CA LYS A 175 -14.28 2.45 1.28
C LYS A 175 -13.67 2.77 -0.08
N LEU A 176 -14.52 3.03 -1.06
CA LEU A 176 -14.08 3.47 -2.38
C LEU A 176 -14.68 4.86 -2.63
N TYR A 177 -13.92 5.70 -3.33
CA TYR A 177 -14.37 7.07 -3.61
C TYR A 177 -14.05 7.42 -5.05
N ARG A 178 -14.92 8.23 -5.64
CA ARG A 178 -14.70 8.75 -6.99
C ARG A 178 -15.29 10.15 -7.09
N GLU A 179 -14.90 10.85 -8.15
CA GLU A 179 -15.39 12.20 -8.40
C GLU A 179 -16.72 12.11 -9.15
N GLU A 180 -17.72 12.79 -8.60
CA GLU A 180 -19.05 12.85 -9.18
C GLU A 180 -19.55 14.30 -9.16
N GLU A 181 -19.87 14.83 -10.34
CA GLU A 181 -20.36 16.20 -10.47
C GLU A 181 -19.54 17.19 -9.66
N ASP A 182 -18.22 17.19 -9.93
CA ASP A 182 -17.27 18.16 -9.36
C ASP A 182 -16.96 18.02 -7.86
N ASP A 183 -17.34 16.89 -7.25
CA ASP A 183 -17.01 16.62 -5.85
C ASP A 183 -16.78 15.13 -5.63
N TRP A 184 -16.01 14.80 -4.60
CA TRP A 184 -15.64 13.41 -4.31
C TRP A 184 -16.67 12.78 -3.37
N VAL A 185 -17.16 11.60 -3.77
CA VAL A 185 -18.17 10.90 -2.99
C VAL A 185 -17.66 9.53 -2.58
N CYS A 186 -18.21 8.98 -1.49
CA CYS A 186 -17.94 7.59 -1.18
C CYS A 186 -18.91 6.72 -1.96
N CYS A 187 -18.38 5.93 -2.89
CA CYS A 187 -19.24 5.16 -3.80
C CYS A 187 -19.46 3.73 -3.36
N ALA A 188 -18.76 3.31 -2.31
CA ALA A 188 -18.92 1.96 -1.76
C ALA A 188 -18.31 1.89 -0.37
N THR A 189 -18.99 1.18 0.52
CA THR A 189 -18.43 0.84 1.82
C THR A 189 -18.52 -0.67 1.90
N LEU A 190 -17.37 -1.31 2.07
CA LEU A 190 -17.28 -2.77 2.02
C LEU A 190 -17.14 -3.32 3.42
N GLU A 191 -18.17 -4.06 3.82
CA GLU A 191 -18.30 -4.59 5.18
C GLU A 191 -18.08 -6.09 5.16
N GLY A 192 -17.36 -6.59 6.16
CA GLY A 192 -17.08 -8.03 6.26
C GLY A 192 -15.95 -8.36 7.21
N HIS A 193 -14.90 -7.55 7.22
CA HIS A 193 -13.84 -7.76 8.20
C HIS A 193 -14.38 -7.58 9.63
N GLU A 194 -13.82 -8.34 10.56
CA GLU A 194 -14.29 -8.36 11.95
C GLU A 194 -13.36 -7.57 12.85
N SER A 195 -12.28 -7.04 12.27
CA SER A 195 -11.34 -6.19 12.99
C SER A 195 -10.61 -5.26 12.00
N THR A 196 -9.64 -4.52 12.51
CA THR A 196 -8.93 -3.46 11.77
C THR A 196 -8.52 -3.91 10.37
N VAL A 197 -8.83 -3.10 9.37
CA VAL A 197 -8.28 -3.34 8.02
C VAL A 197 -6.99 -2.55 7.90
N TRP A 198 -5.86 -3.25 7.78
CA TRP A 198 -4.54 -2.62 7.75
C TRP A 198 -4.04 -2.19 6.38
N SER A 199 -4.44 -2.92 5.35
CA SER A 199 -3.90 -2.61 4.01
C SER A 199 -4.81 -3.13 2.90
N LEU A 200 -4.49 -2.73 1.67
CA LEU A 200 -5.29 -2.98 0.49
C LEU A 200 -4.38 -3.08 -0.72
N ALA A 201 -4.79 -3.88 -1.70
CA ALA A 201 -4.07 -3.96 -2.97
C ALA A 201 -5.01 -4.30 -4.12
N PHE A 202 -4.98 -3.49 -5.18
CA PHE A 202 -5.73 -3.84 -6.41
C PHE A 202 -5.02 -4.94 -7.20
N ASP A 203 -5.79 -5.76 -7.91
CA ASP A 203 -5.21 -6.83 -8.73
C ASP A 203 -4.72 -6.29 -10.08
N PRO A 204 -4.06 -7.15 -10.89
CA PRO A 204 -3.65 -6.70 -12.22
C PRO A 204 -4.81 -6.23 -13.10
N SER A 205 -5.97 -6.89 -13.00
CA SER A 205 -7.12 -6.49 -13.83
C SER A 205 -7.73 -5.12 -13.44
N GLY A 206 -7.47 -4.69 -12.21
CA GLY A 206 -8.08 -3.49 -11.61
C GLY A 206 -9.51 -3.71 -11.12
N GLN A 207 -10.09 -4.84 -11.51
CA GLN A 207 -11.48 -5.18 -11.19
C GLN A 207 -11.66 -5.77 -9.78
N ARG A 208 -10.55 -6.06 -9.12
CA ARG A 208 -10.63 -6.65 -7.79
C ARG A 208 -9.67 -5.96 -6.84
N LEU A 209 -9.97 -6.07 -5.55
CA LEU A 209 -9.23 -5.41 -4.50
C LEU A 209 -9.08 -6.42 -3.38
N ALA A 210 -7.87 -6.56 -2.86
CA ALA A 210 -7.64 -7.46 -1.74
C ALA A 210 -7.45 -6.61 -0.48
N SER A 211 -8.03 -7.05 0.64
CA SER A 211 -7.84 -6.33 1.90
C SER A 211 -7.33 -7.29 2.95
N CYS A 212 -6.50 -6.80 3.88
CA CYS A 212 -6.03 -7.67 4.96
C CYS A 212 -6.28 -7.02 6.31
N SER A 213 -6.34 -7.85 7.34
CA SER A 213 -6.95 -7.42 8.59
C SER A 213 -6.34 -8.05 9.83
N ASP A 214 -6.54 -7.35 10.96
CA ASP A 214 -6.28 -7.92 12.30
C ASP A 214 -7.15 -9.17 12.55
N ASP A 215 -8.23 -9.35 11.78
CA ASP A 215 -9.06 -10.55 11.92
C ASP A 215 -8.40 -11.80 11.32
N ARG A 216 -7.17 -11.62 10.81
CA ARG A 216 -6.31 -12.71 10.30
C ARG A 216 -6.82 -13.34 8.98
N THR A 217 -7.63 -12.58 8.25
CA THR A 217 -8.12 -13.00 6.95
C THR A 217 -7.72 -11.99 5.86
N VAL A 218 -7.70 -12.48 4.62
CA VAL A 218 -7.66 -11.64 3.44
C VAL A 218 -9.02 -11.75 2.76
N ARG A 219 -9.62 -10.63 2.40
CA ARG A 219 -10.86 -10.65 1.60
C ARG A 219 -10.60 -10.15 0.19
N ILE A 220 -11.21 -10.81 -0.79
CA ILE A 220 -11.13 -10.40 -2.19
C ILE A 220 -12.47 -9.83 -2.62
N TRP A 221 -12.46 -8.56 -3.03
CA TRP A 221 -13.65 -7.84 -3.42
C TRP A 221 -13.61 -7.64 -4.93
N ARG A 222 -14.74 -7.81 -5.58
CA ARG A 222 -14.80 -7.65 -7.01
C ARG A 222 -15.81 -6.57 -7.40
N GLN A 223 -15.43 -5.76 -8.38
CA GLN A 223 -16.30 -4.72 -8.88
C GLN A 223 -17.27 -5.28 -9.91
N TYR A 224 -18.55 -4.94 -9.76
CA TYR A 224 -19.58 -5.29 -10.73
C TYR A 224 -20.23 -4.01 -11.28
N LEU A 225 -20.13 -3.82 -12.58
CA LEU A 225 -20.72 -2.66 -13.24
C LEU A 225 -22.20 -2.93 -13.52
N PRO A 226 -23.01 -1.86 -13.68
CA PRO A 226 -24.42 -2.07 -14.07
C PRO A 226 -24.52 -2.96 -15.31
N GLY A 227 -25.42 -3.94 -15.28
CA GLY A 227 -25.63 -4.85 -16.40
C GLY A 227 -24.71 -6.06 -16.41
N ASN A 228 -24.00 -6.29 -15.31
CA ASN A 228 -23.11 -7.46 -15.22
C ASN A 228 -23.88 -8.77 -15.37
N GLU A 229 -23.27 -9.76 -16.03
CA GLU A 229 -23.93 -11.04 -16.28
C GLU A 229 -24.23 -11.84 -15.00
N GLN A 230 -23.59 -11.45 -13.90
CA GLN A 230 -23.72 -12.16 -12.62
C GLN A 230 -24.97 -11.76 -11.85
N GLY A 231 -25.61 -10.67 -12.29
CA GLY A 231 -26.84 -10.20 -11.66
C GLY A 231 -26.63 -9.51 -10.33
N VAL A 232 -25.44 -8.96 -10.12
CA VAL A 232 -25.22 -8.17 -8.93
C VAL A 232 -25.93 -6.84 -9.12
N ALA A 233 -26.85 -6.54 -8.22
CA ALA A 233 -27.66 -5.32 -8.27
C ALA A 233 -26.81 -4.06 -8.08
N CYS A 234 -27.05 -3.08 -8.93
CA CYS A 234 -26.38 -1.77 -8.85
C CYS A 234 -27.45 -0.70 -8.66
N SER A 235 -27.06 0.40 -8.03
CA SER A 235 -27.94 1.57 -7.91
C SER A 235 -27.49 2.66 -8.89
N PRO A 239 -21.17 1.23 -9.91
CA PRO A 239 -20.72 -0.15 -9.70
C PRO A 239 -20.87 -0.63 -8.24
N SER A 240 -21.11 -1.93 -8.08
CA SER A 240 -21.17 -2.55 -6.76
C SER A 240 -19.94 -3.43 -6.54
N TRP A 241 -19.48 -3.50 -5.30
CA TRP A 241 -18.36 -4.37 -4.93
C TRP A 241 -18.84 -5.46 -3.98
N LYS A 242 -18.53 -6.72 -4.29
CA LYS A 242 -18.92 -7.82 -3.44
C LYS A 242 -17.71 -8.66 -3.07
N CYS A 243 -17.72 -9.22 -1.86
CA CYS A 243 -16.65 -10.13 -1.47
C CYS A 243 -16.86 -11.47 -2.18
N ILE A 244 -15.84 -11.92 -2.90
CA ILE A 244 -15.94 -13.17 -3.66
C ILE A 244 -15.07 -14.30 -3.10
N CYS A 245 -14.23 -13.98 -2.11
CA CYS A 245 -13.33 -14.93 -1.52
C CYS A 245 -12.83 -14.38 -0.19
N THR A 246 -12.79 -15.24 0.83
CA THR A 246 -12.10 -14.94 2.07
C THR A 246 -11.05 -16.01 2.32
N LEU A 247 -9.79 -15.59 2.41
CA LEU A 247 -8.71 -16.49 2.73
C LEU A 247 -8.59 -16.51 4.23
N SER A 248 -9.14 -17.55 4.82
CA SER A 248 -9.17 -17.66 6.27
C SER A 248 -8.39 -18.89 6.72
N GLY A 249 -7.90 -18.85 7.95
CA GLY A 249 -7.24 -19.99 8.57
C GLY A 249 -5.81 -20.20 8.14
N PHE A 250 -5.24 -19.19 7.46
CA PHE A 250 -3.86 -19.27 6.97
C PHE A 250 -2.86 -18.35 7.67
N HIS A 251 -3.33 -17.50 8.58
CA HIS A 251 -2.46 -16.56 9.29
C HIS A 251 -2.63 -16.65 10.80
N SER A 252 -1.53 -16.77 11.54
CA SER A 252 -1.59 -17.01 12.99
C SER A 252 -1.67 -15.71 13.79
N ARG A 253 -1.37 -14.59 13.11
CA ARG A 253 -1.37 -13.28 13.75
C ARG A 253 -1.92 -12.24 12.77
N THR A 254 -2.04 -11.01 13.25
CA THR A 254 -2.45 -9.87 12.44
C THR A 254 -1.73 -9.83 11.11
N ILE A 255 -2.47 -9.53 10.05
CA ILE A 255 -1.86 -9.34 8.74
C ILE A 255 -1.69 -7.84 8.51
N TYR A 256 -0.45 -7.39 8.50
CA TYR A 256 -0.15 -5.97 8.44
C TYR A 256 -0.13 -5.38 7.03
N ASP A 257 0.15 -6.20 6.03
CA ASP A 257 0.26 -5.67 4.66
C ASP A 257 -0.01 -6.77 3.65
N ILE A 258 -0.45 -6.35 2.47
CA ILE A 258 -0.76 -7.25 1.36
C ILE A 258 -0.25 -6.58 0.09
N ALA A 259 0.28 -7.37 -0.83
CA ALA A 259 0.77 -6.87 -2.12
C ALA A 259 0.33 -7.81 -3.22
N TRP A 260 -0.37 -7.27 -4.22
CA TRP A 260 -0.89 -8.08 -5.32
C TRP A 260 -0.09 -7.70 -6.56
N CYS A 261 0.76 -8.61 -7.02
CA CYS A 261 1.72 -8.30 -8.08
C CYS A 261 1.03 -7.88 -9.35
N GLN A 262 1.31 -6.66 -9.81
CA GLN A 262 0.66 -6.16 -11.03
C GLN A 262 1.10 -6.93 -12.28
N LEU A 263 2.26 -7.58 -12.19
CA LEU A 263 2.80 -8.32 -13.33
C LEU A 263 2.21 -9.73 -13.38
N THR A 264 2.23 -10.42 -12.24
CA THR A 264 2.00 -11.87 -12.17
C THR A 264 0.74 -12.29 -11.41
N GLY A 265 0.14 -11.36 -10.66
CA GLY A 265 -1.03 -11.67 -9.84
C GLY A 265 -0.70 -12.42 -8.55
N ALA A 266 0.58 -12.71 -8.29
CA ALA A 266 0.97 -13.35 -7.02
C ALA A 266 0.59 -12.43 -5.86
N LEU A 267 0.06 -13.00 -4.79
CA LEU A 267 -0.45 -12.20 -3.68
C LEU A 267 0.40 -12.48 -2.44
N ALA A 268 1.16 -11.48 -1.98
CA ALA A 268 2.02 -11.67 -0.82
C ALA A 268 1.41 -11.03 0.43
N THR A 269 1.64 -11.64 1.60
CA THR A 269 1.19 -11.03 2.85
C THR A 269 2.32 -10.90 3.86
N ALA A 270 2.19 -9.88 4.71
CA ALA A 270 3.17 -9.59 5.77
C ALA A 270 2.42 -9.77 7.08
N CYS A 271 2.98 -10.59 7.96
CA CYS A 271 2.24 -11.00 9.17
C CYS A 271 3.01 -10.75 10.47
N GLY A 272 2.23 -10.58 11.54
CA GLY A 272 2.78 -10.44 12.89
C GLY A 272 3.47 -11.67 13.45
N ASP A 273 3.39 -12.81 12.76
CA ASP A 273 4.16 -14.00 13.15
C ASP A 273 5.54 -14.05 12.52
N ASP A 274 5.96 -12.92 11.92
CA ASP A 274 7.28 -12.76 11.32
C ASP A 274 7.44 -13.47 9.97
N ALA A 275 6.34 -13.98 9.42
CA ALA A 275 6.40 -14.76 8.19
C ALA A 275 5.92 -13.97 6.99
N ILE A 276 6.45 -14.32 5.82
CA ILE A 276 5.90 -13.86 4.56
C ILE A 276 5.20 -15.06 3.94
N ARG A 277 4.00 -14.83 3.42
CA ARG A 277 3.30 -15.86 2.66
C ARG A 277 3.03 -15.36 1.26
N VAL A 278 2.96 -16.27 0.30
CA VAL A 278 2.53 -15.93 -1.06
C VAL A 278 1.42 -16.90 -1.44
N PHE A 279 0.39 -16.37 -2.10
CA PHE A 279 -0.71 -17.18 -2.59
C PHE A 279 -0.83 -16.96 -4.09
N GLN A 280 -1.28 -17.99 -4.79
CA GLN A 280 -1.62 -17.80 -6.20
C GLN A 280 -3.06 -18.22 -6.43
N GLU A 281 -3.80 -17.42 -7.19
CA GLU A 281 -5.16 -17.76 -7.62
C GLU A 281 -5.12 -19.01 -8.48
N ASP A 282 -6.05 -19.92 -8.26
CA ASP A 282 -6.09 -21.17 -9.00
C ASP A 282 -6.64 -20.93 -10.41
N PRO A 283 -5.81 -21.21 -11.46
CA PRO A 283 -6.23 -20.85 -12.81
C PRO A 283 -7.35 -21.70 -13.40
N ASN A 284 -7.75 -22.77 -12.72
CA ASN A 284 -8.96 -23.51 -13.11
C ASN A 284 -10.18 -23.26 -12.23
N SER A 285 -10.07 -22.29 -11.33
CA SER A 285 -11.20 -21.97 -10.45
C SER A 285 -12.18 -21.01 -11.12
N ASP A 286 -13.42 -21.02 -10.64
CA ASP A 286 -14.44 -20.11 -11.10
C ASP A 286 -14.09 -18.67 -10.69
N PRO A 287 -13.89 -17.75 -11.66
CA PRO A 287 -13.51 -16.38 -11.27
C PRO A 287 -14.55 -15.66 -10.38
N GLN A 288 -15.79 -16.12 -10.38
CA GLN A 288 -16.85 -15.58 -9.51
C GLN A 288 -16.79 -16.09 -8.08
N GLN A 289 -16.07 -17.19 -7.89
CA GLN A 289 -15.86 -17.77 -6.58
C GLN A 289 -14.47 -18.40 -6.58
N PRO A 290 -13.43 -17.55 -6.68
CA PRO A 290 -12.08 -18.06 -6.91
C PRO A 290 -11.50 -18.74 -5.69
N THR A 291 -10.52 -19.61 -5.93
CA THR A 291 -9.75 -20.21 -4.85
C THR A 291 -8.28 -19.88 -5.04
N PHE A 292 -7.55 -19.91 -3.92
CA PHE A 292 -6.13 -19.57 -3.91
C PHE A 292 -5.37 -20.71 -3.25
N SER A 293 -4.12 -20.91 -3.67
CA SER A 293 -3.23 -21.87 -3.04
C SER A 293 -2.08 -21.15 -2.36
N LEU A 294 -1.67 -21.63 -1.20
CA LEU A 294 -0.46 -21.14 -0.54
C LEU A 294 0.76 -21.65 -1.31
N THR A 295 1.55 -20.73 -1.88
CA THR A 295 2.71 -21.11 -2.69
C THR A 295 4.06 -20.84 -2.02
N ALA A 296 4.03 -20.03 -0.97
CA ALA A 296 5.22 -19.80 -0.13
C ALA A 296 4.82 -19.51 1.31
N HIS A 297 5.63 -19.98 2.25
CA HIS A 297 5.40 -19.69 3.65
C HIS A 297 6.78 -19.67 4.28
N LEU A 298 7.34 -18.48 4.37
CA LEU A 298 8.70 -18.32 4.86
C LEU A 298 8.65 -17.94 6.32
N HIS A 299 8.97 -18.90 7.18
CA HIS A 299 8.98 -18.72 8.62
C HIS A 299 10.18 -17.87 9.00
N GLN A 300 9.98 -16.98 9.96
CA GLN A 300 11.02 -16.06 10.41
C GLN A 300 11.72 -15.38 9.23
N ALA A 301 10.92 -14.95 8.26
CA ALA A 301 11.38 -14.09 7.18
C ALA A 301 12.17 -12.92 7.75
N HIS A 302 11.68 -12.37 8.86
CA HIS A 302 12.40 -11.38 9.66
C HIS A 302 12.38 -11.82 11.12
N SER A 303 13.10 -11.10 11.98
CA SER A 303 13.22 -11.48 13.39
C SER A 303 12.08 -10.92 14.22
N GLN A 304 11.28 -10.06 13.59
CA GLN A 304 10.13 -9.41 14.22
C GLN A 304 9.02 -9.23 13.18
N ASP A 305 7.91 -8.59 13.57
CA ASP A 305 6.75 -8.41 12.68
C ASP A 305 7.21 -7.97 11.30
N VAL A 306 6.60 -8.52 10.25
CA VAL A 306 6.77 -7.99 8.88
C VAL A 306 5.71 -6.91 8.66
N ASN A 307 6.15 -5.70 8.34
CA ASN A 307 5.24 -4.56 8.23
C ASN A 307 4.80 -4.27 6.81
N CYS A 308 5.55 -4.79 5.84
CA CYS A 308 5.31 -4.45 4.44
C CYS A 308 5.92 -5.48 3.49
N VAL A 309 5.19 -5.76 2.42
CA VAL A 309 5.71 -6.51 1.28
C VAL A 309 5.38 -5.72 0.02
N ALA A 310 6.31 -5.69 -0.92
CA ALA A 310 6.12 -4.91 -2.13
C ALA A 310 6.80 -5.60 -3.28
N TRP A 311 6.03 -5.90 -4.33
CA TRP A 311 6.58 -6.55 -5.52
C TRP A 311 7.20 -5.53 -6.43
N ASN A 312 8.34 -5.88 -7.01
CA ASN A 312 8.95 -5.01 -8.03
C ASN A 312 8.02 -4.88 -9.26
N PRO A 313 7.74 -3.64 -9.71
CA PRO A 313 6.78 -3.45 -10.80
C PRO A 313 7.32 -3.81 -12.19
N LYS A 314 8.62 -4.06 -12.30
CA LYS A 314 9.22 -4.39 -13.60
C LYS A 314 9.92 -5.76 -13.65
N GLU A 315 10.41 -6.23 -12.51
CA GLU A 315 11.05 -7.54 -12.44
C GLU A 315 10.13 -8.53 -11.74
N PRO A 316 9.49 -9.45 -12.51
CA PRO A 316 8.54 -10.36 -11.90
C PRO A 316 9.20 -11.27 -10.87
N GLY A 317 8.57 -11.42 -9.71
CA GLY A 317 9.06 -12.31 -8.67
C GLY A 317 10.03 -11.69 -7.67
N LEU A 318 10.49 -10.47 -7.96
CA LEU A 318 11.35 -9.78 -7.00
C LEU A 318 10.47 -9.12 -5.95
N LEU A 319 10.65 -9.53 -4.70
CA LEU A 319 9.84 -9.03 -3.61
C LEU A 319 10.73 -8.36 -2.57
N ALA A 320 10.33 -7.18 -2.09
CA ALA A 320 11.00 -6.56 -0.95
C ALA A 320 10.07 -6.61 0.27
N SER A 321 10.66 -6.81 1.44
CA SER A 321 9.91 -6.81 2.70
C SER A 321 10.67 -6.05 3.76
N CYS A 322 9.96 -5.61 4.79
CA CYS A 322 10.63 -4.94 5.92
C CYS A 322 9.98 -5.26 7.25
N SER A 323 10.69 -4.91 8.33
CA SER A 323 10.33 -5.42 9.64
C SER A 323 10.51 -4.39 10.74
N ASP A 324 9.79 -4.63 11.84
CA ASP A 324 10.01 -3.92 13.11
C ASP A 324 11.46 -3.95 13.59
N ASP A 325 12.25 -4.92 13.12
CA ASP A 325 13.69 -4.99 13.48
C ASP A 325 14.59 -4.03 12.68
N GLY A 326 13.96 -3.22 11.82
CA GLY A 326 14.62 -2.16 11.06
C GLY A 326 15.19 -2.59 9.72
N GLU A 327 15.11 -3.87 9.43
CA GLU A 327 15.73 -4.45 8.23
C GLU A 327 14.80 -4.49 7.04
N VAL A 328 15.40 -4.46 5.86
CA VAL A 328 14.71 -4.74 4.60
C VAL A 328 15.32 -6.05 4.06
N ALA A 329 14.50 -6.90 3.46
CA ALA A 329 15.01 -8.05 2.75
C ALA A 329 14.52 -8.03 1.31
N PHE A 330 15.37 -8.54 0.40
CA PHE A 330 15.00 -8.76 -0.98
C PHE A 330 14.92 -10.26 -1.24
N TRP A 331 13.87 -10.68 -1.94
CA TRP A 331 13.62 -12.10 -2.20
C TRP A 331 13.32 -12.33 -3.66
N LYS A 332 13.62 -13.54 -4.14
CA LYS A 332 13.12 -13.97 -5.42
C LYS A 332 12.07 -15.04 -5.17
N TYR A 333 10.86 -14.78 -5.65
CA TYR A 333 9.79 -15.74 -5.52
C TYR A 333 9.84 -16.67 -6.71
N GLN A 334 10.03 -17.97 -6.41
CA GLN A 334 9.93 -19.04 -7.40
C GLN A 334 8.54 -19.67 -7.28
N ARG A 335 7.72 -19.43 -8.27
CA ARG A 335 6.33 -19.88 -8.27
C ARG A 335 6.22 -21.38 -8.50
#